data_8G9A
#
_entry.id   8G9A
#
_cell.length_a   170.290
_cell.length_b   170.290
_cell.length_c   170.290
_cell.angle_alpha   90.00
_cell.angle_beta   90.00
_cell.angle_gamma   90.00
#
_symmetry.space_group_name_H-M   'I 2 3'
#
loop_
_entity.id
_entity.type
_entity.pdbx_description
1 polymer 'a resurrected ancestor (AncRNase) of the pancreatic-type RNases 2 and 3 sub-families'
2 non-polymer 'SULFATE ION'
3 non-polymer 'ACETATE ION'
4 non-polymer (4S)-2-METHYL-2,4-PENTANEDIOL
5 water water
#
_entity_poly.entity_id   1
_entity_poly.type   'polypeptide(L)'
_entity_poly.pdbx_seq_one_letter_code
;MKPPQFTWAQWFEIQHINMTSPRCTNAMRVINNYQRRCKNQNTFLRTTFADVVNVCGNPNITCPSNKTLKNCHHSGVQVP
LIHCNLTTPSQNISNCRYAQTPANKFYVVACDNRDPRDPPQYPVVPVHLDRII
;
_entity_poly.pdbx_strand_id   A,B,C,D
#
loop_
_chem_comp.id
_chem_comp.type
_chem_comp.name
_chem_comp.formula
ACT non-polymer 'ACETATE ION' 'C2 H3 O2 -1'
MPD non-polymer (4S)-2-METHYL-2,4-PENTANEDIOL 'C6 H14 O2'
SO4 non-polymer 'SULFATE ION' 'O4 S -2'
#
# COMPACT_ATOMS: atom_id res chain seq x y z
N MET A 1 21.95 -40.96 2.78
CA MET A 1 21.66 -39.54 3.00
C MET A 1 20.18 -39.28 3.22
N LYS A 2 19.35 -39.56 2.25
CA LYS A 2 17.95 -39.15 2.34
C LYS A 2 17.21 -40.06 3.32
N PRO A 3 16.58 -39.52 4.36
CA PRO A 3 15.78 -40.36 5.25
C PRO A 3 14.63 -41.02 4.48
N PRO A 4 14.34 -42.29 4.79
CA PRO A 4 13.30 -43.01 4.04
C PRO A 4 11.86 -42.59 4.33
N GLN A 5 11.56 -41.86 5.40
CA GLN A 5 10.18 -41.44 5.59
C GLN A 5 9.77 -40.28 4.68
N PHE A 6 10.68 -39.77 3.84
CA PHE A 6 10.42 -38.60 3.01
C PHE A 6 10.56 -38.93 1.54
N THR A 7 9.77 -38.25 0.72
CA THR A 7 10.00 -38.30 -0.72
C THR A 7 11.22 -37.44 -1.09
N TRP A 8 11.65 -37.53 -2.35
CA TRP A 8 12.76 -36.68 -2.82
C TRP A 8 12.36 -35.21 -2.74
N ALA A 9 11.12 -34.92 -3.12
CA ALA A 9 10.62 -33.54 -3.10
C ALA A 9 10.48 -32.98 -1.68
N GLN A 10 10.03 -33.82 -0.73
CA GLN A 10 9.94 -33.36 0.65
C GLN A 10 11.32 -33.14 1.26
N TRP A 11 12.28 -33.99 0.92
CA TRP A 11 13.66 -33.75 1.34
C TRP A 11 14.25 -32.49 0.70
N PHE A 12 13.94 -32.21 -0.58
CA PHE A 12 14.35 -30.93 -1.15
C PHE A 12 13.80 -29.76 -0.35
N GLU A 13 12.57 -29.86 0.11
CA GLU A 13 11.96 -28.78 0.86
C GLU A 13 12.67 -28.61 2.20
N ILE A 14 12.99 -29.72 2.86
CA ILE A 14 13.70 -29.64 4.14
C ILE A 14 15.05 -28.94 3.97
N GLN A 15 15.78 -29.35 2.95
CA GLN A 15 17.13 -28.85 2.80
C GLN A 15 17.20 -27.48 2.12
N HIS A 16 16.27 -27.13 1.22
CA HIS A 16 16.50 -25.92 0.44
C HIS A 16 15.36 -24.91 0.35
N ILE A 17 14.29 -25.08 1.12
CA ILE A 17 13.20 -24.10 1.15
C ILE A 17 12.85 -23.63 2.55
N ASN A 18 12.59 -24.59 3.42
CA ASN A 18 12.12 -24.31 4.81
C ASN A 18 13.29 -24.01 5.79
N MET A 19 13.63 -22.70 6.01
CA MET A 19 14.61 -22.29 7.03
C MET A 19 13.81 -22.11 8.34
N THR A 20 14.05 -22.92 9.39
CA THR A 20 13.24 -22.90 10.63
C THR A 20 13.64 -21.69 11.48
N SER A 21 14.73 -21.01 11.14
CA SER A 21 15.24 -19.81 11.81
C SER A 21 15.97 -18.96 10.78
N PRO A 22 16.03 -17.64 10.99
CA PRO A 22 16.85 -16.80 10.08
C PRO A 22 18.38 -17.00 10.17
N ARG A 23 18.91 -17.74 11.16
CA ARG A 23 20.34 -18.00 11.27
C ARG A 23 20.69 -19.44 10.94
N CYS A 24 21.80 -19.59 10.23
CA CYS A 24 22.23 -20.90 9.73
C CYS A 24 22.52 -21.92 10.84
N THR A 25 23.15 -21.51 11.98
CA THR A 25 23.48 -22.52 12.98
C THR A 25 22.22 -23.18 13.50
N ASN A 26 21.21 -22.36 13.81
CA ASN A 26 19.91 -22.84 14.23
C ASN A 26 19.25 -23.66 13.11
N ALA A 27 19.11 -23.05 11.93
CA ALA A 27 18.38 -23.69 10.83
C ALA A 27 18.95 -25.05 10.46
N MET A 28 20.28 -25.17 10.46
CA MET A 28 20.88 -26.39 9.94
C MET A 28 20.64 -27.63 10.81
N ARG A 29 20.25 -27.48 12.09
CA ARG A 29 20.18 -28.66 12.95
C ARG A 29 19.16 -29.68 12.43
N VAL A 30 18.10 -29.20 11.80
CA VAL A 30 17.06 -30.06 11.24
C VAL A 30 17.65 -30.99 10.21
N ILE A 31 18.36 -30.44 9.23
CA ILE A 31 19.01 -31.26 8.21
C ILE A 31 20.05 -32.19 8.82
N ASN A 32 20.90 -31.66 9.73
CA ASN A 32 22.05 -32.46 10.18
C ASN A 32 21.60 -33.65 11.01
N ASN A 33 20.57 -33.48 11.83
CA ASN A 33 20.04 -34.58 12.60
C ASN A 33 19.50 -35.66 11.68
N TYR A 34 18.79 -35.32 10.61
CA TYR A 34 18.34 -36.34 9.66
C TYR A 34 19.52 -36.98 8.95
N GLN A 35 20.55 -36.18 8.59
CA GLN A 35 21.71 -36.74 7.90
C GLN A 35 22.65 -37.51 8.82
N ARG A 36 22.61 -37.28 10.12
CA ARG A 36 23.52 -37.90 11.08
C ARG A 36 24.96 -37.47 10.81
N ARG A 37 25.14 -36.27 10.34
CA ARG A 37 26.45 -35.71 10.07
C ARG A 37 26.23 -34.24 9.91
N CYS A 38 27.26 -33.42 10.10
CA CYS A 38 27.16 -31.99 9.89
C CYS A 38 27.55 -31.70 8.44
N LYS A 39 26.58 -31.28 7.63
CA LYS A 39 26.86 -30.95 6.24
C LYS A 39 27.83 -29.77 6.14
N ASN A 40 28.76 -29.86 5.17
CA ASN A 40 29.77 -28.80 5.06
C ASN A 40 29.19 -27.49 4.51
N GLN A 41 28.23 -27.59 3.59
CA GLN A 41 27.65 -26.42 2.95
C GLN A 41 26.18 -26.70 2.62
N ASN A 42 25.33 -25.67 2.54
CA ASN A 42 23.93 -25.85 2.21
C ASN A 42 23.33 -24.51 1.82
N THR A 43 22.54 -24.48 0.74
CA THR A 43 21.83 -23.26 0.32
C THR A 43 20.33 -23.37 0.60
N PHE A 44 19.80 -22.37 1.26
CA PHE A 44 18.36 -22.22 1.42
C PHE A 44 17.87 -21.15 0.44
N LEU A 45 16.94 -21.51 -0.42
CA LEU A 45 16.22 -20.54 -1.24
C LEU A 45 15.09 -19.92 -0.42
N ARG A 46 14.99 -18.59 -0.41
CA ARG A 46 13.89 -17.91 0.26
C ARG A 46 12.77 -17.74 -0.76
N THR A 47 12.00 -18.81 -0.96
CA THR A 47 10.91 -18.92 -1.92
C THR A 47 9.95 -19.98 -1.36
N THR A 48 8.79 -20.17 -1.96
CA THR A 48 7.86 -21.21 -1.55
C THR A 48 8.01 -22.44 -2.44
N PHE A 49 7.61 -23.61 -1.90
CA PHE A 49 7.60 -24.84 -2.69
C PHE A 49 6.77 -24.68 -3.97
N ALA A 50 5.62 -24.00 -3.89
CA ALA A 50 4.80 -23.85 -5.10
C ALA A 50 5.51 -23.01 -6.15
N ASP A 51 6.28 -21.98 -5.73
CA ASP A 51 7.07 -21.20 -6.69
C ASP A 51 8.11 -22.07 -7.39
N VAL A 52 8.84 -22.92 -6.63
CA VAL A 52 9.80 -23.82 -7.28
C VAL A 52 9.10 -24.80 -8.21
N VAL A 53 7.88 -25.23 -7.88
CA VAL A 53 7.17 -26.12 -8.81
C VAL A 53 6.83 -25.41 -10.13
N ASN A 54 6.45 -24.12 -10.06
CA ASN A 54 6.25 -23.36 -11.30
C ASN A 54 7.54 -23.28 -12.12
N VAL A 55 8.69 -23.15 -11.44
CA VAL A 55 9.97 -23.18 -12.17
C VAL A 55 10.17 -24.52 -12.80
N CYS A 56 9.70 -25.62 -12.17
CA CYS A 56 9.83 -26.94 -12.78
C CYS A 56 9.08 -27.04 -14.11
N GLY A 57 8.10 -26.19 -14.36
CA GLY A 57 7.42 -26.16 -15.65
C GLY A 57 8.12 -25.37 -16.75
N ASN A 58 9.17 -24.52 -16.40
CA ASN A 58 9.88 -23.80 -17.42
C ASN A 58 10.58 -24.81 -18.34
N PRO A 59 10.99 -24.40 -19.55
CA PRO A 59 11.56 -25.33 -20.54
C PRO A 59 12.78 -26.08 -20.04
N ASN A 60 12.84 -27.37 -20.37
CA ASN A 60 13.94 -28.20 -19.88
C ASN A 60 15.26 -27.75 -20.42
N ILE A 61 16.29 -27.81 -19.56
CA ILE A 61 17.65 -27.58 -19.99
C ILE A 61 18.60 -28.63 -19.37
N THR A 62 19.83 -28.63 -19.87
CA THR A 62 20.87 -29.53 -19.39
C THR A 62 21.28 -29.11 -17.98
N CYS A 63 21.52 -30.07 -17.12
CA CYS A 63 21.95 -29.74 -15.75
C CYS A 63 23.40 -29.28 -15.74
N PRO A 64 23.71 -28.09 -15.25
CA PRO A 64 25.12 -27.63 -15.30
C PRO A 64 26.08 -28.55 -14.59
N SER A 65 25.65 -29.13 -13.46
CA SER A 65 26.51 -30.02 -12.68
C SER A 65 26.79 -31.35 -13.37
N ASN A 66 25.92 -31.78 -14.29
CA ASN A 66 26.09 -33.06 -14.96
C ASN A 66 25.43 -32.97 -16.33
N LYS A 67 26.28 -32.78 -17.33
CA LYS A 67 25.92 -32.54 -18.73
C LYS A 67 25.09 -33.66 -19.33
N THR A 68 24.98 -34.83 -18.70
CA THR A 68 24.17 -35.92 -19.25
C THR A 68 22.73 -35.92 -18.72
N LEU A 69 22.44 -35.16 -17.66
CA LEU A 69 21.09 -35.03 -17.15
C LEU A 69 20.38 -33.84 -17.79
N LYS A 70 19.10 -34.04 -18.08
CA LYS A 70 18.33 -33.10 -18.88
C LYS A 70 17.04 -32.68 -18.20
N ASN A 71 16.90 -32.93 -16.89
CA ASN A 71 15.66 -32.64 -16.17
C ASN A 71 15.74 -31.35 -15.36
N CYS A 72 16.55 -30.38 -15.83
CA CYS A 72 16.80 -29.14 -15.09
C CYS A 72 16.05 -27.94 -15.65
N HIS A 73 15.87 -26.93 -14.80
CA HIS A 73 15.01 -25.78 -15.09
C HIS A 73 15.59 -24.53 -14.47
N HIS A 74 15.75 -23.50 -15.28
CA HIS A 74 16.22 -22.21 -14.80
C HIS A 74 15.07 -21.36 -14.25
N SER A 75 15.36 -20.68 -13.16
CA SER A 75 14.35 -19.92 -12.40
C SER A 75 13.82 -18.69 -13.15
N GLY A 76 14.57 -18.16 -14.11
CA GLY A 76 14.06 -17.04 -14.86
C GLY A 76 14.08 -15.73 -14.10
N VAL A 77 13.76 -15.78 -12.81
CA VAL A 77 13.81 -14.62 -11.91
C VAL A 77 14.87 -14.91 -10.84
N GLN A 78 15.37 -13.84 -10.20
CA GLN A 78 16.18 -14.00 -9.00
C GLN A 78 15.34 -14.11 -7.74
N VAL A 79 15.86 -14.85 -6.77
CA VAL A 79 15.24 -15.00 -5.43
C VAL A 79 16.33 -14.69 -4.41
N PRO A 80 15.98 -14.18 -3.22
CA PRO A 80 17.00 -14.15 -2.14
C PRO A 80 17.28 -15.58 -1.68
N LEU A 81 18.50 -15.77 -1.19
CA LEU A 81 18.93 -17.06 -0.68
C LEU A 81 19.92 -16.79 0.45
N ILE A 82 20.16 -17.82 1.23
CA ILE A 82 21.18 -17.79 2.29
C ILE A 82 22.04 -19.04 2.13
N HIS A 83 23.34 -18.86 2.00
CA HIS A 83 24.28 -19.97 1.92
C HIS A 83 24.94 -20.20 3.28
N CYS A 84 24.82 -21.43 3.83
CA CYS A 84 25.35 -21.79 5.16
C CYS A 84 26.69 -22.50 4.96
N ASN A 85 27.74 -22.06 5.69
CA ASN A 85 29.11 -22.59 5.58
C ASN A 85 29.54 -23.11 6.95
N LEU A 86 29.90 -24.41 7.04
CA LEU A 86 30.28 -25.01 8.31
C LEU A 86 31.61 -24.40 8.77
N THR A 87 31.64 -23.72 9.93
CA THR A 87 32.92 -23.17 10.39
C THR A 87 33.51 -23.89 11.60
N THR A 88 32.72 -24.65 12.38
CA THR A 88 33.34 -25.51 13.40
C THR A 88 32.61 -26.85 13.47
N PRO A 89 33.25 -27.95 13.11
CA PRO A 89 32.62 -29.26 13.23
C PRO A 89 32.70 -29.79 14.67
N SER A 90 31.92 -30.84 14.93
CA SER A 90 31.84 -31.49 16.23
C SER A 90 31.28 -32.89 16.03
N GLN A 91 31.70 -33.81 16.89
CA GLN A 91 31.07 -35.14 16.97
C GLN A 91 29.67 -35.05 17.54
N ASN A 92 29.37 -33.98 18.26
CA ASN A 92 28.03 -33.61 18.69
C ASN A 92 27.38 -32.70 17.64
N ILE A 93 26.34 -33.20 16.95
CA ILE A 93 25.71 -32.44 15.88
C ILE A 93 25.21 -31.06 16.37
N SER A 94 24.79 -30.95 17.64
CA SER A 94 24.27 -29.69 18.16
C SER A 94 25.33 -28.61 18.40
N ASN A 95 26.61 -28.96 18.35
CA ASN A 95 27.72 -28.04 18.53
C ASN A 95 28.26 -27.53 17.21
N CYS A 96 27.75 -28.03 16.08
CA CYS A 96 28.25 -27.58 14.78
C CYS A 96 27.87 -26.12 14.52
N ARG A 97 28.90 -25.29 14.28
CA ARG A 97 28.74 -23.86 14.03
C ARG A 97 28.81 -23.50 12.54
N TYR A 98 27.90 -22.63 12.12
CA TYR A 98 27.79 -22.19 10.74
C TYR A 98 27.93 -20.68 10.69
N ALA A 99 28.49 -20.22 9.58
CA ALA A 99 28.44 -18.84 9.16
C ALA A 99 27.52 -18.75 7.94
N GLN A 100 27.04 -17.54 7.62
CA GLN A 100 26.14 -17.43 6.48
C GLN A 100 26.48 -16.24 5.58
N THR A 101 26.10 -16.38 4.32
CA THR A 101 26.33 -15.41 3.26
C THR A 101 25.01 -15.31 2.51
N PRO A 102 24.33 -14.17 2.55
CA PRO A 102 23.12 -13.98 1.75
C PRO A 102 23.42 -13.57 0.32
N ALA A 103 22.45 -13.81 -0.57
CA ALA A 103 22.62 -13.36 -1.95
C ALA A 103 21.26 -13.28 -2.65
N ASN A 104 21.26 -12.69 -3.84
CA ASN A 104 20.09 -12.62 -4.73
C ASN A 104 20.56 -13.09 -6.10
N LYS A 105 20.04 -14.22 -6.55
CA LYS A 105 20.64 -14.95 -7.67
C LYS A 105 19.54 -15.70 -8.40
N PHE A 106 19.82 -16.07 -9.65
CA PHE A 106 19.07 -17.11 -10.32
C PHE A 106 19.46 -18.47 -9.79
N TYR A 107 18.63 -19.48 -10.04
CA TYR A 107 18.94 -20.84 -9.68
C TYR A 107 18.49 -21.79 -10.79
N VAL A 108 19.08 -22.97 -10.76
CA VAL A 108 18.74 -24.07 -11.66
C VAL A 108 18.42 -25.25 -10.79
N VAL A 109 17.22 -25.80 -10.96
CA VAL A 109 16.75 -26.94 -10.19
C VAL A 109 16.45 -28.14 -11.07
N ALA A 110 16.67 -29.33 -10.51
CA ALA A 110 16.28 -30.58 -11.18
C ALA A 110 14.95 -31.08 -10.66
N CYS A 111 14.10 -31.53 -11.58
CA CYS A 111 12.72 -31.88 -11.25
C CYS A 111 12.38 -33.25 -11.84
N ASP A 112 11.47 -33.96 -11.15
CA ASP A 112 11.03 -35.30 -11.52
C ASP A 112 9.52 -35.43 -11.33
N ASN A 113 8.88 -36.46 -11.90
CA ASN A 113 7.45 -36.77 -11.70
C ASN A 113 7.19 -37.01 -10.20
N ARG A 114 6.04 -36.59 -9.70
CA ARG A 114 5.70 -36.61 -8.26
C ARG A 114 5.57 -38.04 -7.74
N ASP A 115 5.84 -38.25 -6.46
CA ASP A 115 5.66 -39.55 -5.76
C ASP A 115 4.20 -39.60 -5.30
N PRO A 116 3.54 -40.76 -5.08
CA PRO A 116 2.15 -40.73 -4.58
C PRO A 116 1.89 -39.92 -3.30
N ARG A 117 2.90 -39.80 -2.43
CA ARG A 117 2.83 -39.05 -1.16
C ARG A 117 2.89 -37.54 -1.39
N ASP A 118 3.35 -37.02 -2.54
CA ASP A 118 3.24 -35.57 -2.75
C ASP A 118 1.81 -35.22 -3.19
N PRO A 119 1.36 -33.97 -2.99
CA PRO A 119 -0.06 -33.65 -3.34
C PRO A 119 -0.32 -33.71 -4.84
N PRO A 120 -1.49 -34.25 -5.25
CA PRO A 120 -1.72 -34.50 -6.70
C PRO A 120 -1.64 -33.26 -7.54
N GLN A 121 -1.84 -32.11 -6.92
CA GLN A 121 -1.76 -30.81 -7.55
C GLN A 121 -0.44 -30.54 -8.26
N TYR A 122 0.63 -31.26 -7.93
CA TYR A 122 1.93 -31.10 -8.56
C TYR A 122 2.44 -32.35 -9.32
N PRO A 123 2.06 -32.55 -10.61
CA PRO A 123 2.63 -33.70 -11.34
C PRO A 123 4.16 -33.74 -11.38
N VAL A 124 4.84 -32.60 -11.44
CA VAL A 124 6.31 -32.56 -11.49
C VAL A 124 6.83 -31.76 -10.31
N VAL A 125 7.91 -32.21 -9.68
CA VAL A 125 8.34 -31.59 -8.41
C VAL A 125 9.85 -31.45 -8.38
N PRO A 126 10.36 -30.50 -7.58
CA PRO A 126 11.81 -30.34 -7.45
C PRO A 126 12.43 -31.40 -6.58
N VAL A 127 13.62 -31.86 -6.97
CA VAL A 127 14.30 -32.95 -6.24
C VAL A 127 15.78 -32.68 -5.98
N HIS A 128 16.42 -31.76 -6.70
CA HIS A 128 17.81 -31.39 -6.45
C HIS A 128 18.04 -29.93 -6.79
N LEU A 129 18.87 -29.27 -5.99
CA LEU A 129 19.33 -27.93 -6.29
C LEU A 129 20.61 -28.09 -7.07
N ASP A 130 20.57 -27.80 -8.37
CA ASP A 130 21.72 -28.14 -9.20
C ASP A 130 22.80 -27.07 -9.19
N ARG A 131 22.42 -25.80 -9.31
CA ARG A 131 23.38 -24.72 -9.51
C ARG A 131 22.75 -23.41 -9.05
N ILE A 132 23.54 -22.54 -8.41
CA ILE A 132 23.19 -21.15 -8.05
C ILE A 132 24.02 -20.36 -9.05
N ILE A 133 23.43 -19.55 -9.91
CA ILE A 133 24.22 -18.86 -10.96
C ILE A 133 24.83 -17.60 -10.38
N MET B 1 13.45 17.39 3.67
CA MET B 1 13.09 16.85 2.32
C MET B 1 11.59 16.78 2.06
N LYS B 2 10.92 15.84 2.76
CA LYS B 2 9.54 15.45 2.43
C LYS B 2 8.55 16.54 2.82
N PRO B 3 7.79 17.08 1.88
CA PRO B 3 6.68 17.97 2.27
C PRO B 3 5.72 17.29 3.20
N PRO B 4 5.09 18.04 4.12
CA PRO B 4 4.22 17.43 5.14
C PRO B 4 2.88 16.89 4.62
N GLN B 5 2.40 17.37 3.48
CA GLN B 5 1.14 16.88 2.97
C GLN B 5 1.26 15.48 2.38
N PHE B 6 2.48 14.92 2.32
CA PHE B 6 2.68 13.59 1.73
C PHE B 6 3.09 12.55 2.77
N THR B 7 2.56 11.35 2.63
CA THR B 7 3.18 10.23 3.33
C THR B 7 4.55 9.92 2.73
N TRP B 8 5.29 9.05 3.41
CA TRP B 8 6.58 8.61 2.86
C TRP B 8 6.39 7.84 1.55
N ALA B 9 5.32 7.03 1.44
CA ALA B 9 5.11 6.28 0.20
C ALA B 9 4.66 7.18 -0.94
N GLN B 10 3.87 8.21 -0.64
CA GLN B 10 3.49 9.21 -1.65
C GLN B 10 4.72 9.98 -2.15
N TRP B 11 5.63 10.33 -1.24
CA TRP B 11 6.88 10.96 -1.64
C TRP B 11 7.78 10.00 -2.44
N PHE B 12 7.82 8.71 -2.07
CA PHE B 12 8.53 7.71 -2.87
C PHE B 12 8.05 7.72 -4.32
N GLU B 13 6.74 7.70 -4.51
CA GLU B 13 6.16 7.77 -5.85
C GLU B 13 6.60 9.03 -6.59
N ILE B 14 6.52 10.18 -5.94
CA ILE B 14 6.87 11.45 -6.60
C ILE B 14 8.32 11.40 -7.06
N GLN B 15 9.22 11.01 -6.16
CA GLN B 15 10.65 11.01 -6.47
C GLN B 15 11.10 9.86 -7.35
N HIS B 16 10.48 8.66 -7.28
CA HIS B 16 11.06 7.49 -7.90
C HIS B 16 10.13 6.68 -8.80
N ILE B 17 8.87 7.04 -9.02
CA ILE B 17 8.00 6.31 -9.96
C ILE B 17 7.46 7.24 -11.04
N ASN B 18 6.78 8.28 -10.63
CA ASN B 18 6.18 9.31 -11.51
C ASN B 18 7.23 10.11 -12.28
N MET B 19 7.43 9.87 -13.60
CA MET B 19 8.15 10.85 -14.42
C MET B 19 7.15 11.73 -15.14
N THR B 20 7.21 13.05 -14.92
CA THR B 20 6.24 13.97 -15.51
C THR B 20 6.64 14.32 -16.93
N SER B 21 7.83 13.92 -17.36
CA SER B 21 8.35 14.20 -18.70
C SER B 21 9.55 13.28 -18.97
N PRO B 22 9.84 12.92 -20.22
CA PRO B 22 11.01 12.06 -20.49
C PRO B 22 12.37 12.78 -20.40
N ARG B 23 12.42 14.13 -20.53
CA ARG B 23 13.60 14.93 -20.16
C ARG B 23 13.77 14.95 -18.64
N CYS B 24 14.93 14.49 -18.17
CA CYS B 24 15.23 14.63 -16.75
C CYS B 24 15.14 16.08 -16.29
N THR B 25 15.62 17.02 -17.12
CA THR B 25 15.60 18.41 -16.73
C THR B 25 14.16 18.87 -16.43
N ASN B 26 13.21 18.43 -17.25
CA ASN B 26 11.81 18.74 -17.00
C ASN B 26 11.29 18.02 -15.75
N ALA B 27 11.54 16.71 -15.64
CA ALA B 27 10.92 15.89 -14.60
C ALA B 27 11.37 16.32 -13.21
N MET B 28 12.65 16.62 -13.04
CA MET B 28 13.18 16.97 -11.75
C MET B 28 12.64 18.29 -11.18
N ARG B 29 11.98 19.14 -11.99
CA ARG B 29 11.49 20.40 -11.45
C ARG B 29 10.45 20.15 -10.35
N VAL B 30 9.51 19.23 -10.61
CA VAL B 30 8.51 18.81 -9.61
C VAL B 30 9.18 18.46 -8.27
N ILE B 31 10.22 17.61 -8.30
CA ILE B 31 10.91 17.20 -7.09
C ILE B 31 11.67 18.36 -6.46
N ASN B 32 12.45 19.09 -7.28
CA ASN B 32 13.31 20.15 -6.77
C ASN B 32 12.52 21.34 -6.24
N ASN B 33 11.32 21.62 -6.79
CA ASN B 33 10.46 22.63 -6.16
C ASN B 33 10.15 22.27 -4.71
N TYR B 34 9.60 21.08 -4.48
CA TYR B 34 9.29 20.62 -3.11
C TYR B 34 10.50 20.53 -2.19
N GLN B 35 11.68 20.24 -2.75
CA GLN B 35 12.90 20.06 -1.95
C GLN B 35 13.58 21.34 -1.65
N ARG B 36 13.37 22.36 -2.48
CA ARG B 36 14.08 23.63 -2.33
C ARG B 36 15.58 23.34 -2.31
N ARG B 37 16.05 22.51 -3.22
CA ARG B 37 17.46 22.15 -3.38
C ARG B 37 17.47 21.42 -4.72
N CYS B 38 18.52 21.61 -5.55
CA CYS B 38 18.57 20.80 -6.77
C CYS B 38 19.28 19.50 -6.43
N LYS B 39 18.51 18.39 -6.45
CA LYS B 39 19.06 17.08 -6.14
C LYS B 39 20.21 16.75 -7.08
N ASN B 40 21.27 16.20 -6.51
CA ASN B 40 22.45 15.85 -7.30
C ASN B 40 22.18 14.66 -8.22
N GLN B 41 21.58 13.57 -7.68
CA GLN B 41 21.21 12.39 -8.43
C GLN B 41 19.77 11.97 -8.07
N ASN B 42 19.02 11.47 -9.05
CA ASN B 42 17.72 10.88 -8.79
C ASN B 42 17.41 9.82 -9.82
N THR B 43 16.89 8.66 -9.37
CA THR B 43 16.46 7.57 -10.25
C THR B 43 14.94 7.45 -10.31
N PHE B 44 14.39 7.47 -11.54
CA PHE B 44 13.00 7.14 -11.80
C PHE B 44 12.90 5.68 -12.26
N LEU B 45 12.25 4.83 -11.46
CA LEU B 45 11.88 3.51 -11.94
C LEU B 45 10.68 3.61 -12.89
N ARG B 46 10.68 2.83 -13.96
CA ARG B 46 9.57 2.91 -14.92
C ARG B 46 8.75 1.66 -14.64
N THR B 47 7.77 1.80 -13.73
CA THR B 47 7.01 0.71 -13.12
C THR B 47 5.80 1.39 -12.48
N THR B 48 4.96 0.58 -11.85
CA THR B 48 3.77 1.12 -11.19
C THR B 48 3.94 1.00 -9.67
N PHE B 49 3.21 1.85 -8.95
CA PHE B 49 3.17 1.74 -7.49
C PHE B 49 2.76 0.33 -7.03
N ALA B 50 1.72 -0.29 -7.64
CA ALA B 50 1.31 -1.62 -7.19
C ALA B 50 2.40 -2.67 -7.47
N ASP B 51 3.18 -2.51 -8.56
CA ASP B 51 4.30 -3.44 -8.80
C ASP B 51 5.34 -3.30 -7.69
N VAL B 52 5.68 -2.07 -7.29
CA VAL B 52 6.65 -1.90 -6.21
C VAL B 52 6.09 -2.48 -4.91
N VAL B 53 4.79 -2.27 -4.62
CA VAL B 53 4.23 -2.87 -3.40
C VAL B 53 4.36 -4.40 -3.44
N ASN B 54 4.17 -5.02 -4.62
CA ASN B 54 4.39 -6.47 -4.71
C ASN B 54 5.83 -6.85 -4.35
N VAL B 55 6.79 -6.02 -4.77
CA VAL B 55 8.19 -6.26 -4.39
C VAL B 55 8.38 -6.12 -2.86
N CYS B 56 7.63 -5.20 -2.21
CA CYS B 56 7.75 -5.06 -0.76
C CYS B 56 7.36 -6.32 -0.05
N GLY B 57 6.65 -7.24 -0.71
CA GLY B 57 6.28 -8.52 -0.13
C GLY B 57 7.30 -9.63 -0.33
N ASN B 58 8.35 -9.39 -1.09
CA ASN B 58 9.42 -10.36 -1.24
C ASN B 58 10.19 -10.46 0.09
N PRO B 59 10.92 -11.56 0.30
CA PRO B 59 11.55 -11.78 1.62
C PRO B 59 12.44 -10.61 2.02
N ASN B 60 12.38 -10.22 3.31
CA ASN B 60 13.22 -9.15 3.82
C ASN B 60 14.70 -9.46 3.69
N ILE B 61 15.48 -8.43 3.40
CA ILE B 61 16.93 -8.52 3.35
C ILE B 61 17.53 -7.27 3.96
N THR B 62 18.85 -7.31 4.13
CA THR B 62 19.61 -6.20 4.67
C THR B 62 19.73 -5.12 3.62
N CYS B 63 19.45 -3.88 4.00
CA CYS B 63 19.60 -2.76 3.06
C CYS B 63 21.07 -2.62 2.71
N PRO B 64 21.44 -2.60 1.42
CA PRO B 64 22.86 -2.39 1.08
C PRO B 64 23.41 -1.02 1.52
N SER B 65 22.59 0.03 1.54
CA SER B 65 23.06 1.37 1.88
C SER B 65 23.48 1.49 3.34
N ASN B 66 22.96 0.63 4.21
CA ASN B 66 23.15 0.74 5.66
C ASN B 66 22.79 -0.62 6.24
N LYS B 67 23.83 -1.37 6.62
CA LYS B 67 23.77 -2.76 7.04
C LYS B 67 23.07 -2.98 8.38
N THR B 68 22.59 -1.94 9.05
CA THR B 68 21.80 -2.08 10.28
C THR B 68 20.28 -2.03 10.05
N LEU B 69 19.85 -1.73 8.81
CA LEU B 69 18.44 -1.70 8.42
C LEU B 69 18.08 -2.97 7.65
N LYS B 70 16.93 -3.57 8.00
CA LYS B 70 16.54 -4.90 7.52
C LYS B 70 15.16 -4.90 6.85
N ASN B 71 14.63 -3.74 6.52
CA ASN B 71 13.32 -3.61 5.90
C ASN B 71 13.44 -3.50 4.38
N CYS B 72 14.44 -4.15 3.77
CA CYS B 72 14.71 -4.02 2.35
C CYS B 72 14.29 -5.28 1.58
N HIS B 73 14.05 -5.09 0.26
CA HIS B 73 13.42 -6.08 -0.62
C HIS B 73 13.98 -5.96 -2.04
N HIS B 74 14.39 -7.08 -2.60
CA HIS B 74 14.98 -7.13 -3.93
C HIS B 74 13.89 -7.40 -4.97
N SER B 75 14.04 -6.78 -6.13
CA SER B 75 12.95 -6.72 -7.10
C SER B 75 12.73 -8.05 -7.79
N GLY B 76 13.77 -8.87 -7.87
CA GLY B 76 13.62 -10.19 -8.47
C GLY B 76 13.71 -10.21 -9.98
N VAL B 77 13.07 -9.21 -10.58
CA VAL B 77 13.03 -8.94 -12.02
C VAL B 77 13.66 -7.57 -12.26
N GLN B 78 14.12 -7.35 -13.48
CA GLN B 78 14.62 -6.06 -13.91
C GLN B 78 13.50 -5.19 -14.45
N VAL B 79 13.65 -3.88 -14.25
CA VAL B 79 12.72 -2.90 -14.81
C VAL B 79 13.56 -1.88 -15.56
N PRO B 80 13.01 -1.25 -16.59
CA PRO B 80 13.65 -0.02 -17.11
C PRO B 80 13.62 1.12 -16.08
N LEU B 81 14.66 1.95 -16.15
CA LEU B 81 14.79 3.08 -15.26
C LEU B 81 15.49 4.20 -16.01
N ILE B 82 15.50 5.37 -15.40
CA ILE B 82 16.25 6.50 -15.92
C ILE B 82 16.94 7.18 -14.74
N HIS B 83 18.26 7.28 -14.80
CA HIS B 83 19.04 7.96 -13.77
C HIS B 83 19.33 9.40 -14.25
N CYS B 84 18.93 10.39 -13.43
CA CYS B 84 19.14 11.82 -13.67
C CYS B 84 20.35 12.34 -12.89
N ASN B 85 21.21 13.10 -13.57
CA ASN B 85 22.48 13.59 -13.03
C ASN B 85 22.57 15.09 -13.18
N LEU B 86 22.75 15.80 -12.06
CA LEU B 86 22.85 17.25 -12.11
C LEU B 86 24.16 17.63 -12.81
N THR B 87 24.06 18.31 -13.98
CA THR B 87 25.26 18.74 -14.73
C THR B 87 25.69 20.18 -14.38
N THR B 88 24.73 21.04 -14.08
CA THR B 88 24.97 22.46 -13.85
C THR B 88 24.20 22.91 -12.61
N PRO B 89 24.85 22.96 -11.43
CA PRO B 89 24.16 23.50 -10.24
C PRO B 89 23.75 24.97 -10.47
N SER B 90 22.88 25.47 -9.59
CA SER B 90 22.26 26.78 -9.85
C SER B 90 21.64 27.35 -8.58
N GLN B 91 21.22 28.61 -8.70
CA GLN B 91 20.49 29.33 -7.67
C GLN B 91 18.99 29.31 -7.97
N ASN B 92 18.62 29.60 -9.22
CA ASN B 92 17.25 29.43 -9.70
C ASN B 92 17.02 27.95 -9.96
N ILE B 93 16.00 27.41 -9.31
CA ILE B 93 15.73 25.98 -9.41
C ILE B 93 15.33 25.55 -10.82
N SER B 94 14.65 26.42 -11.59
CA SER B 94 14.33 26.08 -12.99
C SER B 94 15.58 26.01 -13.87
N ASN B 95 16.61 26.77 -13.53
CA ASN B 95 17.79 26.78 -14.36
C ASN B 95 18.54 25.46 -14.28
N CYS B 96 18.47 24.77 -13.15
CA CYS B 96 19.18 23.49 -12.98
C CYS B 96 19.00 22.57 -14.18
N ARG B 97 20.09 21.98 -14.68
CA ARG B 97 20.04 21.12 -15.86
C ARG B 97 20.47 19.74 -15.50
N TYR B 98 20.00 18.70 -16.20
CA TYR B 98 20.25 17.32 -15.83
C TYR B 98 20.58 16.56 -17.10
N ALA B 99 21.60 15.71 -17.03
CA ALA B 99 21.86 14.67 -18.01
C ALA B 99 21.26 13.34 -17.53
N GLN B 100 20.79 12.53 -18.48
CA GLN B 100 20.14 11.28 -18.13
C GLN B 100 20.83 10.08 -18.75
N THR B 101 20.71 8.93 -18.05
CA THR B 101 21.18 7.63 -18.50
C THR B 101 20.15 6.54 -18.24
N PRO B 102 19.53 5.95 -19.28
CA PRO B 102 18.59 4.84 -19.04
C PRO B 102 19.31 3.52 -18.80
N ALA B 103 18.56 2.58 -18.22
CA ALA B 103 19.09 1.24 -17.98
C ALA B 103 17.96 0.28 -17.59
N ASN B 104 18.31 -1.00 -17.60
CA ASN B 104 17.43 -2.09 -17.19
C ASN B 104 18.17 -2.84 -16.12
N LYS B 105 17.67 -2.81 -14.88
CA LYS B 105 18.40 -3.37 -13.77
C LYS B 105 17.45 -3.86 -12.68
N PHE B 106 18.01 -4.63 -11.78
CA PHE B 106 17.35 -4.94 -10.53
C PHE B 106 17.44 -3.76 -9.59
N TYR B 107 16.51 -3.70 -8.63
CA TYR B 107 16.50 -2.65 -7.63
C TYR B 107 16.21 -3.24 -6.24
N VAL B 108 16.52 -2.46 -5.22
CA VAL B 108 16.26 -2.82 -3.83
C VAL B 108 15.58 -1.63 -3.19
N VAL B 109 14.45 -1.88 -2.57
CA VAL B 109 13.56 -0.87 -2.03
C VAL B 109 13.38 -1.16 -0.55
N ALA B 110 13.32 -0.09 0.26
CA ALA B 110 12.95 -0.21 1.66
C ALA B 110 11.47 0.10 1.84
N CYS B 111 10.80 -0.73 2.65
CA CYS B 111 9.36 -0.73 2.79
C CYS B 111 8.98 -0.67 4.27
N ASP B 112 7.84 -0.04 4.57
CA ASP B 112 7.35 0.11 5.95
C ASP B 112 5.86 -0.08 5.95
N ASN B 113 5.29 -0.26 7.14
CA ASN B 113 3.84 -0.34 7.19
C ASN B 113 3.26 1.00 6.76
N ARG B 114 2.07 0.95 6.13
CA ARG B 114 1.49 2.13 5.52
C ARG B 114 1.08 3.14 6.58
N ASP B 115 1.09 4.41 6.16
CA ASP B 115 0.49 5.53 6.88
C ASP B 115 -1.02 5.42 6.74
N PRO B 116 -1.79 5.85 7.74
CA PRO B 116 -3.25 5.79 7.58
C PRO B 116 -3.75 6.55 6.36
N ARG B 117 -2.99 7.54 5.88
CA ARG B 117 -3.40 8.27 4.69
C ARG B 117 -3.11 7.52 3.38
N ASP B 118 -2.27 6.43 3.41
CA ASP B 118 -2.13 5.53 2.26
C ASP B 118 -3.32 4.56 2.23
N PRO B 119 -3.72 4.08 1.07
CA PRO B 119 -4.90 3.19 1.02
C PRO B 119 -4.67 1.93 1.84
N PRO B 120 -5.71 1.44 2.55
CA PRO B 120 -5.54 0.21 3.34
C PRO B 120 -5.21 -1.06 2.54
N GLN B 121 -5.60 -1.09 1.25
CA GLN B 121 -5.25 -2.18 0.32
C GLN B 121 -3.77 -2.52 0.33
N TYR B 122 -2.91 -1.60 0.78
CA TYR B 122 -1.46 -1.81 0.73
C TYR B 122 -0.88 -1.80 2.14
N PRO B 123 -0.90 -2.93 2.85
CA PRO B 123 -0.41 -2.91 4.25
C PRO B 123 1.05 -2.50 4.37
N VAL B 124 1.88 -2.85 3.39
CA VAL B 124 3.30 -2.50 3.36
C VAL B 124 3.57 -1.77 2.07
N VAL B 125 4.34 -0.68 2.18
CA VAL B 125 4.50 0.28 1.09
C VAL B 125 5.97 0.69 0.99
N PRO B 126 6.41 1.05 -0.22
CA PRO B 126 7.82 1.50 -0.39
C PRO B 126 8.02 2.91 0.17
N VAL B 127 9.18 3.13 0.79
CA VAL B 127 9.49 4.44 1.36
C VAL B 127 10.86 4.96 1.00
N HIS B 128 11.86 4.13 0.68
CA HIS B 128 13.13 4.63 0.17
C HIS B 128 13.63 3.72 -0.95
N LEU B 129 14.33 4.33 -1.94
CA LEU B 129 15.06 3.56 -2.96
C LEU B 129 16.48 3.39 -2.47
N ASP B 130 16.82 2.15 -2.10
CA ASP B 130 18.09 1.89 -1.44
C ASP B 130 19.24 1.72 -2.42
N ARG B 131 19.04 0.97 -3.50
CA ARG B 131 20.15 0.60 -4.35
C ARG B 131 19.59 0.18 -5.71
N ILE B 132 20.24 0.66 -6.76
CA ILE B 132 20.12 0.11 -8.10
C ILE B 132 21.30 -0.82 -8.33
N ILE B 133 21.06 -2.06 -8.75
CA ILE B 133 22.08 -3.12 -8.95
C ILE B 133 22.33 -3.29 -10.44
N MET C 1 -10.23 28.87 -5.49
CA MET C 1 -11.52 28.14 -5.69
C MET C 1 -11.48 26.84 -4.90
N LYS C 2 -10.40 26.04 -5.15
CA LYS C 2 -10.29 24.68 -4.62
C LYS C 2 -9.60 24.67 -3.26
N PRO C 3 -10.27 24.23 -2.19
CA PRO C 3 -9.60 24.09 -0.88
C PRO C 3 -8.31 23.30 -1.00
N PRO C 4 -7.25 23.72 -0.31
CA PRO C 4 -5.92 23.11 -0.54
C PRO C 4 -5.79 21.69 0.02
N GLN C 5 -6.59 21.32 1.02
CA GLN C 5 -6.50 19.98 1.56
C GLN C 5 -7.00 18.91 0.59
N PHE C 6 -7.65 19.27 -0.52
CA PHE C 6 -8.21 18.30 -1.45
C PHE C 6 -7.43 18.31 -2.76
N THR C 7 -7.33 17.14 -3.37
CA THR C 7 -6.88 17.07 -4.75
C THR C 7 -7.99 17.57 -5.68
N TRP C 8 -7.63 17.72 -6.95
CA TRP C 8 -8.63 18.12 -7.95
C TRP C 8 -9.69 17.05 -8.12
N ALA C 9 -9.31 15.78 -8.05
CA ALA C 9 -10.30 14.71 -8.23
C ALA C 9 -11.22 14.63 -7.02
N GLN C 10 -10.69 14.87 -5.83
CA GLN C 10 -11.53 14.89 -4.64
C GLN C 10 -12.49 16.09 -4.67
N TRP C 11 -11.99 17.24 -5.14
CA TRP C 11 -12.86 18.41 -5.29
C TRP C 11 -13.98 18.13 -6.28
N PHE C 12 -13.64 17.51 -7.43
CA PHE C 12 -14.64 17.06 -8.40
C PHE C 12 -15.74 16.23 -7.73
N GLU C 13 -15.35 15.32 -6.84
CA GLU C 13 -16.32 14.53 -6.06
C GLU C 13 -17.21 15.42 -5.20
N ILE C 14 -16.62 16.36 -4.49
CA ILE C 14 -17.43 17.18 -3.58
C ILE C 14 -18.43 18.02 -4.38
N GLN C 15 -18.00 18.55 -5.53
CA GLN C 15 -18.88 19.45 -6.28
C GLN C 15 -19.92 18.70 -7.11
N HIS C 16 -19.56 17.56 -7.71
CA HIS C 16 -20.38 16.99 -8.77
C HIS C 16 -20.78 15.52 -8.63
N ILE C 17 -20.42 14.81 -7.56
CA ILE C 17 -20.86 13.42 -7.36
C ILE C 17 -21.63 13.31 -6.06
N ASN C 18 -21.04 13.74 -4.95
CA ASN C 18 -21.58 13.60 -3.57
C ASN C 18 -22.69 14.61 -3.29
N MET C 19 -23.97 14.22 -3.41
CA MET C 19 -25.03 15.10 -2.98
C MET C 19 -25.39 14.71 -1.54
N THR C 20 -25.25 15.62 -0.56
CA THR C 20 -25.46 15.29 0.84
C THR C 20 -26.91 15.45 1.27
N SER C 21 -27.82 15.76 0.33
CA SER C 21 -29.24 15.99 0.61
C SER C 21 -29.98 16.04 -0.75
N PRO C 22 -31.22 15.54 -0.78
CA PRO C 22 -32.00 15.57 -2.04
C PRO C 22 -32.39 16.98 -2.47
N ARG C 23 -32.49 17.94 -1.56
CA ARG C 23 -32.66 19.34 -1.92
C ARG C 23 -31.33 20.04 -2.19
N CYS C 24 -31.25 20.67 -3.37
CA CYS C 24 -30.14 21.54 -3.74
C CYS C 24 -29.83 22.58 -2.67
N THR C 25 -30.87 23.24 -2.13
CA THR C 25 -30.61 24.34 -1.20
C THR C 25 -29.75 23.86 -0.02
N ASN C 26 -30.04 22.64 0.47
CA ASN C 26 -29.24 21.99 1.49
C ASN C 26 -27.95 21.41 0.93
N ALA C 27 -28.05 20.62 -0.15
CA ALA C 27 -26.85 19.99 -0.72
C ALA C 27 -25.77 21.02 -1.05
N MET C 28 -26.17 22.19 -1.54
CA MET C 28 -25.20 23.19 -1.97
C MET C 28 -24.39 23.79 -0.82
N ARG C 29 -24.83 23.66 0.45
CA ARG C 29 -24.15 24.40 1.51
C ARG C 29 -22.69 23.97 1.68
N VAL C 30 -22.40 22.67 1.57
CA VAL C 30 -21.02 22.23 1.81
C VAL C 30 -20.07 22.84 0.77
N ILE C 31 -20.49 22.87 -0.50
CA ILE C 31 -19.66 23.47 -1.54
C ILE C 31 -19.48 24.96 -1.25
N ASN C 32 -20.60 25.66 -1.03
CA ASN C 32 -20.55 27.11 -0.90
C ASN C 32 -19.69 27.56 0.29
N ASN C 33 -19.65 26.78 1.38
CA ASN C 33 -18.75 27.15 2.47
C ASN C 33 -17.30 27.11 2.01
N TYR C 34 -16.93 26.08 1.24
CA TYR C 34 -15.57 25.96 0.74
C TYR C 34 -15.20 27.07 -0.23
N GLN C 35 -16.17 27.47 -1.06
CA GLN C 35 -15.97 28.50 -2.07
C GLN C 35 -16.16 29.89 -1.49
N ARG C 36 -16.73 30.00 -0.29
CA ARG C 36 -16.96 31.26 0.34
C ARG C 36 -17.78 32.14 -0.59
N ARG C 37 -18.75 31.56 -1.29
CA ARG C 37 -19.61 32.30 -2.21
C ARG C 37 -20.75 31.37 -2.47
N CYS C 38 -21.88 31.88 -2.94
CA CYS C 38 -22.99 31.02 -3.32
C CYS C 38 -22.90 30.77 -4.83
N LYS C 39 -22.48 29.58 -5.28
CA LYS C 39 -22.32 29.33 -6.71
C LYS C 39 -23.63 29.57 -7.46
N ASN C 40 -23.54 30.20 -8.62
CA ASN C 40 -24.75 30.53 -9.34
C ASN C 40 -25.41 29.26 -9.86
N GLN C 41 -24.60 28.28 -10.28
CA GLN C 41 -25.11 27.00 -10.75
C GLN C 41 -24.12 25.90 -10.41
N ASN C 42 -24.66 24.70 -10.23
CA ASN C 42 -23.83 23.53 -9.95
C ASN C 42 -24.63 22.28 -10.26
N THR C 43 -24.00 21.34 -10.98
CA THR C 43 -24.60 20.09 -11.41
C THR C 43 -24.05 18.94 -10.58
N PHE C 44 -24.95 18.19 -9.96
CA PHE C 44 -24.64 16.91 -9.34
C PHE C 44 -25.00 15.78 -10.32
N LEU C 45 -23.97 15.03 -10.76
CA LEU C 45 -24.16 13.75 -11.43
C LEU C 45 -24.51 12.66 -10.41
N ARG C 46 -25.55 11.86 -10.69
CA ARG C 46 -25.92 10.80 -9.74
C ARG C 46 -25.31 9.52 -10.32
N THR C 47 -24.07 9.29 -9.91
CA THR C 47 -23.22 8.16 -10.34
C THR C 47 -22.19 7.97 -9.21
N THR C 48 -21.24 7.07 -9.43
CA THR C 48 -20.16 6.86 -8.47
C THR C 48 -18.86 7.36 -9.07
N PHE C 49 -17.90 7.64 -8.17
CA PHE C 49 -16.56 8.03 -8.61
C PHE C 49 -15.94 6.97 -9.53
N ALA C 50 -16.13 5.68 -9.25
CA ALA C 50 -15.54 4.67 -10.13
C ALA C 50 -16.18 4.71 -11.51
N ASP C 51 -17.50 4.97 -11.57
CA ASP C 51 -18.16 5.05 -12.87
C ASP C 51 -17.58 6.19 -13.70
N VAL C 52 -17.33 7.35 -13.07
CA VAL C 52 -16.73 8.45 -13.82
C VAL C 52 -15.32 8.10 -14.23
N VAL C 53 -14.56 7.41 -13.35
CA VAL C 53 -13.20 7.04 -13.74
C VAL C 53 -13.22 6.13 -14.96
N ASN C 54 -14.22 5.24 -15.06
CA ASN C 54 -14.34 4.44 -16.28
C ASN C 54 -14.58 5.34 -17.51
N VAL C 55 -15.35 6.41 -17.34
CA VAL C 55 -15.57 7.31 -18.47
C VAL C 55 -14.27 8.01 -18.88
N CYS C 56 -13.40 8.35 -17.89
CA CYS C 56 -12.11 8.97 -18.19
C CYS C 56 -11.27 8.09 -19.10
N GLY C 57 -11.58 6.82 -19.17
CA GLY C 57 -10.86 5.92 -20.04
C GLY C 57 -11.38 5.84 -21.45
N ASN C 58 -12.55 6.43 -21.75
CA ASN C 58 -13.06 6.43 -23.12
C ASN C 58 -12.13 7.29 -24.00
N PRO C 59 -12.18 7.09 -25.32
CA PRO C 59 -11.28 7.85 -26.20
C PRO C 59 -11.35 9.36 -25.99
N ASN C 60 -10.18 9.98 -26.03
CA ASN C 60 -10.08 11.42 -25.79
C ASN C 60 -10.77 12.23 -26.89
N ILE C 61 -11.41 13.32 -26.50
CA ILE C 61 -12.06 14.22 -27.44
C ILE C 61 -11.76 15.64 -26.97
N THR C 62 -11.99 16.61 -27.86
CA THR C 62 -11.77 18.00 -27.45
C THR C 62 -12.85 18.46 -26.48
N CYS C 63 -12.42 19.25 -25.51
CA CYS C 63 -13.33 19.82 -24.53
C CYS C 63 -14.27 20.79 -25.21
N PRO C 64 -15.59 20.56 -25.17
CA PRO C 64 -16.52 21.49 -25.80
C PRO C 64 -16.33 22.93 -25.37
N SER C 65 -15.90 23.16 -24.14
CA SER C 65 -15.68 24.50 -23.62
C SER C 65 -14.46 25.24 -24.15
N ASN C 66 -13.42 24.52 -24.60
CA ASN C 66 -12.18 25.13 -25.07
C ASN C 66 -11.44 24.13 -25.94
N LYS C 67 -11.20 24.49 -27.22
CA LYS C 67 -10.60 23.53 -28.15
C LYS C 67 -9.11 23.33 -27.93
N THR C 68 -8.39 24.21 -27.22
CA THR C 68 -6.99 23.93 -26.94
C THR C 68 -6.83 22.77 -25.95
N LEU C 69 -7.94 22.26 -25.41
CA LEU C 69 -7.92 21.21 -24.40
C LEU C 69 -8.40 19.92 -25.03
N LYS C 70 -7.64 18.85 -24.78
CA LYS C 70 -7.80 17.58 -25.47
C LYS C 70 -8.06 16.41 -24.52
N ASN C 71 -8.36 16.69 -23.24
CA ASN C 71 -8.41 15.68 -22.18
C ASN C 71 -9.84 15.43 -21.71
N CYS C 72 -10.80 15.48 -22.64
CA CYS C 72 -12.21 15.32 -22.30
C CYS C 72 -12.71 13.97 -22.80
N HIS C 73 -13.81 13.51 -22.21
CA HIS C 73 -14.31 12.17 -22.48
C HIS C 73 -15.82 12.16 -22.37
N HIS C 74 -16.47 11.60 -23.38
CA HIS C 74 -17.91 11.49 -23.44
C HIS C 74 -18.37 10.24 -22.69
N SER C 75 -19.44 10.41 -21.88
CA SER C 75 -19.88 9.36 -20.96
C SER C 75 -20.46 8.15 -21.68
N GLY C 76 -20.84 8.27 -22.95
CA GLY C 76 -21.34 7.15 -23.72
C GLY C 76 -22.72 6.71 -23.34
N VAL C 77 -23.04 6.74 -22.05
CA VAL C 77 -24.36 6.39 -21.53
C VAL C 77 -24.90 7.63 -20.83
N GLN C 78 -26.23 7.68 -20.63
CA GLN C 78 -26.84 8.74 -19.83
C GLN C 78 -26.88 8.37 -18.34
N VAL C 79 -26.78 9.39 -17.49
CA VAL C 79 -26.97 9.24 -16.04
C VAL C 79 -27.99 10.26 -15.59
N PRO C 80 -28.66 10.00 -14.46
CA PRO C 80 -29.48 11.05 -13.83
C PRO C 80 -28.60 12.12 -13.22
N LEU C 81 -29.13 13.35 -13.21
CA LEU C 81 -28.38 14.46 -12.65
C LEU C 81 -29.39 15.42 -12.03
N ILE C 82 -28.88 16.32 -11.19
CA ILE C 82 -29.67 17.36 -10.56
C ILE C 82 -28.90 18.65 -10.80
N HIS C 83 -29.57 19.62 -11.43
CA HIS C 83 -28.97 20.92 -11.70
C HIS C 83 -29.50 21.93 -10.70
N CYS C 84 -28.62 22.52 -9.92
CA CYS C 84 -28.96 23.52 -8.91
C CYS C 84 -28.80 24.92 -9.51
N ASN C 85 -29.84 25.76 -9.40
CA ASN C 85 -29.77 27.15 -9.88
C ASN C 85 -30.11 28.08 -8.72
N LEU C 86 -29.21 29.02 -8.44
CA LEU C 86 -29.44 29.95 -7.34
C LEU C 86 -30.69 30.78 -7.63
N THR C 87 -31.66 30.78 -6.68
CA THR C 87 -32.85 31.63 -6.82
C THR C 87 -32.85 32.84 -5.89
N THR C 88 -32.20 32.72 -4.71
CA THR C 88 -32.21 33.80 -3.72
C THR C 88 -30.83 33.93 -3.09
N PRO C 89 -30.03 34.91 -3.53
CA PRO C 89 -28.75 35.21 -2.87
C PRO C 89 -29.01 35.61 -1.43
N SER C 90 -27.92 35.69 -0.66
CA SER C 90 -28.05 36.14 0.72
C SER C 90 -26.70 36.55 1.30
N GLN C 91 -26.77 37.49 2.26
CA GLN C 91 -25.62 37.91 3.05
C GLN C 91 -24.81 36.69 3.51
N ASN C 92 -25.44 35.83 4.33
CA ASN C 92 -24.79 34.61 4.80
C ASN C 92 -24.94 33.52 3.74
N ILE C 93 -23.86 32.78 3.44
CA ILE C 93 -23.94 31.65 2.53
C ILE C 93 -24.97 30.59 2.94
N SER C 94 -25.13 30.31 4.23
CA SER C 94 -26.10 29.34 4.70
C SER C 94 -27.49 29.70 4.33
N ASN C 95 -27.76 30.98 4.29
CA ASN C 95 -29.09 31.43 3.96
C ASN C 95 -29.38 31.33 2.46
N CYS C 96 -28.39 31.00 1.60
CA CYS C 96 -28.70 30.96 0.17
C CYS C 96 -29.73 29.87 -0.14
N ARG C 97 -30.48 30.09 -1.22
CA ARG C 97 -31.54 29.19 -1.66
C ARG C 97 -31.46 28.93 -3.16
N TYR C 98 -31.85 27.69 -3.55
CA TYR C 98 -31.67 27.13 -4.89
C TYR C 98 -32.95 26.45 -5.36
N ALA C 99 -33.27 26.58 -6.64
CA ALA C 99 -34.24 25.68 -7.27
C ALA C 99 -33.50 24.55 -7.98
N GLN C 100 -34.14 23.39 -8.07
CA GLN C 100 -33.51 22.24 -8.69
C GLN C 100 -34.34 21.73 -9.86
N THR C 101 -33.63 21.13 -10.81
CA THR C 101 -34.14 20.61 -12.06
C THR C 101 -33.43 19.27 -12.30
N PRO C 102 -34.13 18.13 -12.20
CA PRO C 102 -33.53 16.84 -12.56
C PRO C 102 -33.51 16.61 -14.06
N ALA C 103 -32.67 15.66 -14.50
CA ALA C 103 -32.55 15.31 -15.91
C ALA C 103 -31.87 13.95 -16.06
N ASN C 104 -31.88 13.43 -17.28
CA ASN C 104 -31.16 12.20 -17.63
C ASN C 104 -30.46 12.47 -18.93
N LYS C 105 -29.13 12.59 -18.88
CA LYS C 105 -28.34 13.11 -19.99
C LYS C 105 -26.97 12.43 -20.08
N PHE C 106 -26.33 12.59 -21.23
CA PHE C 106 -24.91 12.35 -21.39
C PHE C 106 -24.12 13.50 -20.76
N TYR C 107 -22.86 13.23 -20.45
CA TYR C 107 -21.95 14.27 -20.01
C TYR C 107 -20.56 14.09 -20.63
N VAL C 108 -19.80 15.18 -20.55
CA VAL C 108 -18.41 15.24 -20.99
C VAL C 108 -17.55 15.76 -19.83
N VAL C 109 -16.57 14.96 -19.42
CA VAL C 109 -15.68 15.24 -18.29
C VAL C 109 -14.26 15.41 -18.80
N ALA C 110 -13.53 16.33 -18.17
CA ALA C 110 -12.10 16.47 -18.36
C ALA C 110 -11.37 15.67 -17.29
N CYS C 111 -10.31 14.94 -17.70
CA CYS C 111 -9.58 14.04 -16.81
C CYS C 111 -8.07 14.24 -16.92
N ASP C 112 -7.39 14.05 -15.79
CA ASP C 112 -5.95 14.24 -15.68
C ASP C 112 -5.34 13.02 -15.00
N ASN C 113 -4.03 12.89 -15.11
CA ASN C 113 -3.36 11.87 -14.30
C ASN C 113 -3.51 12.20 -12.82
N ARG C 114 -3.55 11.14 -12.01
CA ARG C 114 -3.83 11.30 -10.59
C ARG C 114 -2.68 11.97 -9.86
N ASP C 115 -3.05 12.72 -8.83
CA ASP C 115 -2.18 13.16 -7.75
C ASP C 115 -1.76 11.95 -6.87
N PRO C 116 -0.56 11.97 -6.28
CA PRO C 116 -0.19 10.83 -5.40
C PRO C 116 -1.10 10.69 -4.19
N ARG C 117 -1.83 11.75 -3.81
CA ARG C 117 -2.81 11.65 -2.74
C ARG C 117 -4.12 10.97 -3.20
N ASP C 118 -4.32 10.77 -4.50
CA ASP C 118 -5.41 9.94 -5.00
C ASP C 118 -4.96 8.47 -4.95
N PRO C 119 -5.90 7.52 -4.90
CA PRO C 119 -5.46 6.08 -4.84
C PRO C 119 -4.85 5.57 -6.14
N PRO C 120 -3.74 4.84 -6.04
CA PRO C 120 -3.01 4.41 -7.25
C PRO C 120 -3.83 3.58 -8.21
N GLN C 121 -4.87 2.91 -7.73
CA GLN C 121 -5.81 2.14 -8.53
C GLN C 121 -6.38 2.89 -9.74
N TYR C 122 -6.40 4.22 -9.71
CA TYR C 122 -7.07 5.04 -10.73
C TYR C 122 -6.02 5.99 -11.30
N PRO C 123 -5.23 5.55 -12.27
CA PRO C 123 -4.16 6.45 -12.79
C PRO C 123 -4.67 7.69 -13.50
N VAL C 124 -5.91 7.69 -14.00
CA VAL C 124 -6.52 8.86 -14.61
C VAL C 124 -7.86 9.13 -13.93
N VAL C 125 -8.11 10.38 -13.57
CA VAL C 125 -9.24 10.73 -12.68
C VAL C 125 -9.95 11.96 -13.22
N PRO C 126 -11.26 12.10 -12.95
CA PRO C 126 -11.98 13.31 -13.36
C PRO C 126 -11.58 14.53 -12.55
N VAL C 127 -11.45 15.67 -13.24
CA VAL C 127 -11.08 16.93 -12.61
C VAL C 127 -11.99 18.11 -12.98
N HIS C 128 -12.74 18.10 -14.09
CA HIS C 128 -13.73 19.15 -14.33
C HIS C 128 -14.92 18.57 -15.07
N LEU C 129 -16.12 19.07 -14.75
CA LEU C 129 -17.31 18.75 -15.54
C LEU C 129 -17.38 19.78 -16.66
N ASP C 130 -17.15 19.34 -17.89
CA ASP C 130 -17.07 20.27 -19.00
C ASP C 130 -18.40 20.57 -19.67
N ARG C 131 -19.29 19.59 -19.76
CA ARG C 131 -20.53 19.85 -20.48
C ARG C 131 -21.58 18.80 -20.12
N ILE C 132 -22.81 19.26 -19.92
CA ILE C 132 -23.96 18.37 -19.88
C ILE C 132 -24.64 18.48 -21.24
N ILE C 133 -24.94 17.32 -21.82
CA ILE C 133 -25.55 17.18 -23.18
C ILE C 133 -26.95 16.58 -23.06
N MET D 1 -7.32 16.77 20.19
CA MET D 1 -8.18 16.95 19.02
C MET D 1 -7.76 16.03 17.85
N LYS D 2 -8.72 15.59 17.03
CA LYS D 2 -8.37 14.84 15.84
C LYS D 2 -7.51 15.81 15.01
N PRO D 3 -6.29 15.39 14.59
CA PRO D 3 -5.50 16.27 13.72
C PRO D 3 -6.25 16.54 12.43
N PRO D 4 -6.02 17.71 11.81
CA PRO D 4 -6.71 18.03 10.56
C PRO D 4 -6.20 17.25 9.35
N GLN D 5 -5.02 16.65 9.42
CA GLN D 5 -4.52 15.85 8.29
C GLN D 5 -5.26 14.50 8.12
N PHE D 6 -6.11 14.10 9.09
CA PHE D 6 -6.75 12.78 9.07
C PHE D 6 -8.27 12.89 8.95
N THR D 7 -8.87 11.98 8.16
CA THR D 7 -10.32 11.79 8.18
C THR D 7 -10.73 11.10 9.48
N TRP D 8 -12.04 11.08 9.76
CA TRP D 8 -12.54 10.35 10.94
C TRP D 8 -12.18 8.86 10.84
N ALA D 9 -12.28 8.29 9.65
CA ALA D 9 -11.99 6.86 9.47
C ALA D 9 -10.52 6.58 9.69
N GLN D 10 -9.63 7.49 9.25
CA GLN D 10 -8.19 7.31 9.47
C GLN D 10 -7.85 7.45 10.94
N TRP D 11 -8.52 8.36 11.62
CA TRP D 11 -8.33 8.52 13.06
C TRP D 11 -8.82 7.28 13.81
N PHE D 12 -9.98 6.74 13.43
CA PHE D 12 -10.43 5.46 13.95
C PHE D 12 -9.32 4.42 13.85
N GLU D 13 -8.62 4.37 12.70
CA GLU D 13 -7.52 3.42 12.53
C GLU D 13 -6.40 3.63 13.56
N ILE D 14 -5.93 4.88 13.69
CA ILE D 14 -4.88 5.22 14.65
C ILE D 14 -5.28 4.83 16.08
N GLN D 15 -6.52 5.16 16.49
CA GLN D 15 -6.89 4.92 17.88
C GLN D 15 -7.23 3.46 18.18
N HIS D 16 -7.82 2.74 17.22
CA HIS D 16 -8.43 1.44 17.55
C HIS D 16 -8.10 0.24 16.68
N ILE D 17 -7.20 0.35 15.72
CA ILE D 17 -6.78 -0.80 14.92
C ILE D 17 -5.28 -0.96 15.01
N ASN D 18 -4.55 0.10 14.80
CA ASN D 18 -3.08 0.07 14.67
C ASN D 18 -2.38 0.07 16.02
N MET D 19 -1.83 -1.11 16.47
CA MET D 19 -1.00 -1.18 17.66
C MET D 19 0.47 -1.18 17.21
N THR D 20 1.23 -0.09 17.46
CA THR D 20 2.62 0.07 17.04
C THR D 20 3.52 -0.98 17.68
N SER D 21 3.09 -1.52 18.83
CA SER D 21 3.84 -2.50 19.59
C SER D 21 2.86 -3.29 20.49
N PRO D 22 3.28 -4.46 21.00
CA PRO D 22 2.38 -5.29 21.83
C PRO D 22 2.08 -4.73 23.24
N ARG D 23 2.83 -3.74 23.71
CA ARG D 23 2.64 -3.18 25.05
C ARG D 23 1.88 -1.86 24.98
N CYS D 24 0.89 -1.71 25.85
CA CYS D 24 0.03 -0.53 25.81
C CYS D 24 0.82 0.75 26.08
N THR D 25 1.66 0.75 27.11
CA THR D 25 2.41 1.97 27.44
C THR D 25 3.10 2.51 26.19
N ASN D 26 3.75 1.62 25.45
CA ASN D 26 4.51 1.97 24.27
C ASN D 26 3.63 2.27 23.07
N ALA D 27 2.45 1.65 22.96
CA ALA D 27 1.58 1.87 21.79
C ALA D 27 0.66 3.07 21.97
N MET D 28 0.38 3.46 23.21
CA MET D 28 -0.46 4.62 23.45
C MET D 28 0.27 5.92 23.18
N ARG D 29 1.62 5.89 23.09
CA ARG D 29 2.41 7.09 22.89
C ARG D 29 1.90 7.86 21.68
N VAL D 30 1.54 7.12 20.64
CA VAL D 30 1.13 7.73 19.39
C VAL D 30 -0.19 8.46 19.54
N ILE D 31 -1.14 7.91 20.30
CA ILE D 31 -2.44 8.54 20.43
C ILE D 31 -2.26 9.76 21.29
N ASN D 32 -1.51 9.62 22.38
CA ASN D 32 -1.32 10.70 23.34
C ASN D 32 -0.42 11.84 22.84
N ASN D 33 0.19 11.67 21.70
CA ASN D 33 0.99 12.75 21.16
C ASN D 33 0.06 13.65 20.40
N TYR D 34 -0.89 13.08 19.67
CA TYR D 34 -1.83 13.85 18.86
C TYR D 34 -2.82 14.58 19.70
N GLN D 35 -2.94 14.21 20.95
CA GLN D 35 -3.80 14.89 21.86
C GLN D 35 -2.98 14.96 23.11
N ARG D 36 -2.61 16.16 23.53
CA ARG D 36 -1.79 16.34 24.72
C ARG D 36 -2.56 16.10 25.98
N ARG D 37 -2.82 14.84 26.31
CA ARG D 37 -3.55 14.46 27.51
C ARG D 37 -3.55 12.96 27.46
N CYS D 38 -3.19 12.30 28.56
CA CYS D 38 -3.11 10.86 28.54
C CYS D 38 -4.51 10.33 28.62
N LYS D 39 -4.90 9.49 27.65
CA LYS D 39 -6.27 8.97 27.54
C LYS D 39 -6.57 7.88 28.55
N ASN D 40 -7.39 8.13 29.57
CA ASN D 40 -7.63 7.18 30.64
C ASN D 40 -7.73 5.74 30.16
N GLN D 41 -8.43 5.48 29.06
CA GLN D 41 -8.62 4.13 28.59
C GLN D 41 -8.64 4.04 27.08
N ASN D 42 -8.23 2.89 26.49
CA ASN D 42 -8.37 2.77 25.03
C ASN D 42 -8.31 1.30 24.65
N THR D 43 -9.17 0.92 23.71
CA THR D 43 -9.28 -0.43 23.20
C THR D 43 -8.74 -0.45 21.78
N PHE D 44 -7.75 -1.32 21.57
CA PHE D 44 -7.27 -1.70 20.26
C PHE D 44 -7.92 -3.02 19.83
N LEU D 45 -8.66 -2.97 18.71
CA LEU D 45 -9.18 -4.16 18.04
C LEU D 45 -8.09 -4.81 17.19
N ARG D 46 -7.93 -6.15 17.29
CA ARG D 46 -6.88 -6.82 16.51
C ARG D 46 -7.60 -7.40 15.32
N THR D 47 -7.77 -6.51 14.31
CA THR D 47 -8.53 -6.74 13.08
C THR D 47 -7.87 -5.85 12.03
N THR D 48 -8.40 -5.84 10.82
CA THR D 48 -7.99 -4.94 9.73
C THR D 48 -9.10 -3.92 9.47
N PHE D 49 -8.72 -2.83 8.81
CA PHE D 49 -9.69 -1.81 8.41
C PHE D 49 -10.75 -2.38 7.49
N ALA D 50 -10.36 -3.30 6.59
CA ALA D 50 -11.35 -3.84 5.66
C ALA D 50 -12.38 -4.72 6.36
N ASP D 51 -11.97 -5.40 7.42
CA ASP D 51 -12.92 -6.18 8.21
C ASP D 51 -13.91 -5.28 8.92
N VAL D 52 -13.42 -4.19 9.51
CA VAL D 52 -14.34 -3.25 10.15
C VAL D 52 -15.31 -2.67 9.13
N VAL D 53 -14.82 -2.32 7.93
CA VAL D 53 -15.73 -1.76 6.90
C VAL D 53 -16.81 -2.78 6.56
N ASN D 54 -16.45 -4.06 6.54
CA ASN D 54 -17.47 -5.08 6.32
C ASN D 54 -18.52 -5.05 7.43
N VAL D 55 -18.09 -4.87 8.68
CA VAL D 55 -19.04 -4.78 9.79
C VAL D 55 -19.96 -3.56 9.60
N CYS D 56 -19.42 -2.46 9.08
CA CYS D 56 -20.27 -1.29 8.80
C CYS D 56 -21.42 -1.60 7.85
N GLY D 57 -21.30 -2.62 6.99
CA GLY D 57 -22.40 -3.02 6.13
C GLY D 57 -23.46 -3.88 6.79
N ASN D 58 -23.25 -4.39 7.99
CA ASN D 58 -24.32 -5.12 8.66
C ASN D 58 -25.49 -4.18 8.95
N PRO D 59 -26.67 -4.76 9.25
CA PRO D 59 -27.88 -3.94 9.50
C PRO D 59 -27.69 -2.92 10.63
N ASN D 60 -28.16 -1.70 10.40
CA ASN D 60 -28.04 -0.65 11.38
C ASN D 60 -28.73 -1.02 12.69
N ILE D 61 -28.08 -0.71 13.80
CA ILE D 61 -28.69 -0.77 15.12
C ILE D 61 -28.46 0.53 15.90
N THR D 62 -29.26 0.69 16.95
CA THR D 62 -29.06 1.77 17.92
C THR D 62 -27.70 1.62 18.58
N CYS D 63 -26.99 2.73 18.70
CA CYS D 63 -25.73 2.71 19.43
C CYS D 63 -26.01 2.51 20.92
N PRO D 64 -25.33 1.57 21.60
CA PRO D 64 -25.66 1.34 23.03
C PRO D 64 -25.32 2.53 23.87
N SER D 65 -24.30 3.28 23.48
CA SER D 65 -23.84 4.40 24.27
C SER D 65 -24.75 5.63 24.22
N ASN D 66 -25.65 5.73 23.25
CA ASN D 66 -26.37 6.97 22.95
C ASN D 66 -27.50 6.54 22.02
N LYS D 67 -28.68 6.31 22.62
CA LYS D 67 -29.88 5.78 21.98
C LYS D 67 -30.43 6.61 20.82
N THR D 68 -30.09 7.89 20.68
CA THR D 68 -30.54 8.59 19.48
C THR D 68 -29.62 8.45 18.28
N LEU D 69 -28.46 7.78 18.42
CA LEU D 69 -27.60 7.48 17.29
C LEU D 69 -27.97 6.11 16.72
N LYS D 70 -28.40 6.08 15.46
CA LYS D 70 -28.88 4.88 14.79
C LYS D 70 -27.92 4.37 13.71
N ASN D 71 -26.69 4.86 13.67
CA ASN D 71 -25.68 4.47 12.68
C ASN D 71 -24.66 3.51 13.27
N CYS D 72 -25.08 2.58 14.13
CA CYS D 72 -24.16 1.61 14.70
C CYS D 72 -24.36 0.22 14.08
N HIS D 73 -23.35 -0.64 14.30
CA HIS D 73 -23.29 -1.94 13.63
C HIS D 73 -22.58 -2.94 14.52
N HIS D 74 -23.19 -4.08 14.70
CA HIS D 74 -22.63 -5.12 15.55
C HIS D 74 -21.71 -6.01 14.71
N SER D 75 -20.62 -6.50 15.31
CA SER D 75 -19.59 -7.21 14.57
C SER D 75 -20.03 -8.61 14.14
N GLY D 76 -21.02 -9.21 14.79
CA GLY D 76 -21.46 -10.52 14.35
C GLY D 76 -20.55 -11.66 14.73
N VAL D 77 -19.23 -11.43 14.60
CA VAL D 77 -18.21 -12.38 15.00
C VAL D 77 -17.40 -11.74 16.12
N GLN D 78 -16.69 -12.58 16.88
CA GLN D 78 -15.77 -12.04 17.88
C GLN D 78 -14.38 -11.81 17.28
N VAL D 79 -13.67 -10.83 17.83
CA VAL D 79 -12.30 -10.54 17.44
C VAL D 79 -11.43 -10.45 18.68
N PRO D 80 -10.13 -10.71 18.60
CA PRO D 80 -9.24 -10.41 19.72
C PRO D 80 -9.00 -8.92 19.83
N LEU D 81 -8.71 -8.48 21.05
CA LEU D 81 -8.58 -7.06 21.36
C LEU D 81 -7.69 -6.91 22.57
N ILE D 82 -7.18 -5.69 22.77
CA ILE D 82 -6.37 -5.34 23.92
C ILE D 82 -6.88 -4.02 24.49
N HIS D 83 -7.36 -4.04 25.74
CA HIS D 83 -7.83 -2.84 26.44
C HIS D 83 -6.67 -2.25 27.26
N CYS D 84 -6.48 -0.93 27.15
CA CYS D 84 -5.38 -0.22 27.82
C CYS D 84 -5.96 0.63 28.93
N ASN D 85 -5.40 0.50 30.14
CA ASN D 85 -5.87 1.20 31.34
C ASN D 85 -4.72 2.04 31.88
N LEU D 86 -4.92 3.35 31.95
CA LEU D 86 -3.86 4.24 32.43
C LEU D 86 -3.69 4.07 33.93
N THR D 87 -2.45 3.79 34.35
CA THR D 87 -2.10 3.55 35.75
C THR D 87 -1.21 4.63 36.36
N THR D 88 -0.26 5.20 35.60
CA THR D 88 0.59 6.26 36.09
C THR D 88 0.24 7.52 35.33
N PRO D 89 -0.69 8.33 35.87
CA PRO D 89 -0.93 9.59 35.18
C PRO D 89 0.23 10.54 35.29
N SER D 90 0.35 11.49 34.37
CA SER D 90 1.44 12.42 34.42
C SER D 90 1.12 13.54 33.49
N GLN D 91 1.45 14.77 33.89
CA GLN D 91 1.34 15.90 32.97
C GLN D 91 2.27 15.73 31.77
N ASN D 92 3.39 15.00 31.97
CA ASN D 92 4.27 14.67 30.86
C ASN D 92 3.72 13.53 29.99
N ILE D 93 3.40 13.81 28.72
CA ILE D 93 3.01 12.75 27.79
C ILE D 93 3.93 11.53 27.93
N SER D 94 5.25 11.77 27.77
CA SER D 94 6.28 10.72 27.84
C SER D 94 6.10 9.70 28.97
N ASN D 95 5.78 10.20 30.19
CA ASN D 95 5.86 9.37 31.38
C ASN D 95 4.68 8.40 31.55
N CYS D 96 3.55 8.66 30.89
CA CYS D 96 2.35 7.91 31.19
C CYS D 96 2.59 6.42 31.00
N ARG D 97 2.02 5.62 31.93
CA ARG D 97 2.17 4.16 31.88
C ARG D 97 0.81 3.52 31.83
N TYR D 98 0.69 2.37 31.15
CA TYR D 98 -0.59 1.69 30.98
C TYR D 98 -0.47 0.21 31.31
N ALA D 99 -1.50 -0.35 31.92
CA ALA D 99 -1.64 -1.80 32.01
C ALA D 99 -2.69 -2.29 31.01
N GLN D 100 -2.56 -3.54 30.58
CA GLN D 100 -3.44 -4.06 29.56
C GLN D 100 -4.14 -5.36 29.93
N THR D 101 -5.27 -5.57 29.25
CA THR D 101 -6.16 -6.70 29.45
C THR D 101 -6.65 -7.24 28.10
N PRO D 102 -6.17 -8.39 27.64
CA PRO D 102 -6.70 -8.97 26.39
C PRO D 102 -8.04 -9.66 26.56
N ALA D 103 -8.78 -9.75 25.45
CA ALA D 103 -10.08 -10.40 25.44
C ALA D 103 -10.45 -10.77 24.01
N ASN D 104 -11.50 -11.58 23.89
CA ASN D 104 -12.15 -11.93 22.62
C ASN D 104 -13.65 -11.63 22.76
N LYS D 105 -14.12 -10.60 22.07
CA LYS D 105 -15.44 -10.03 22.26
C LYS D 105 -16.05 -9.58 20.93
N PHE D 106 -17.38 -9.47 20.91
CA PHE D 106 -18.08 -8.73 19.88
C PHE D 106 -17.86 -7.24 20.09
N TYR D 107 -18.05 -6.47 19.04
CA TYR D 107 -17.99 -5.04 19.23
C TYR D 107 -19.11 -4.40 18.43
N VAL D 108 -19.40 -3.16 18.80
CA VAL D 108 -20.35 -2.30 18.09
C VAL D 108 -19.61 -1.03 17.70
N VAL D 109 -19.63 -0.74 16.40
CA VAL D 109 -18.96 0.41 15.80
C VAL D 109 -20.00 1.30 15.14
N ALA D 110 -19.78 2.62 15.22
CA ALA D 110 -20.55 3.61 14.45
C ALA D 110 -19.86 3.92 13.14
N CYS D 111 -20.66 4.09 12.09
CA CYS D 111 -20.10 4.26 10.75
C CYS D 111 -20.86 5.37 10.04
N ASP D 112 -20.16 5.99 9.07
CA ASP D 112 -20.75 7.10 8.30
C ASP D 112 -20.09 7.16 6.94
N ASN D 113 -20.68 8.02 6.09
CA ASN D 113 -20.23 8.14 4.71
C ASN D 113 -18.79 8.66 4.72
N ARG D 114 -18.01 8.15 3.78
CA ARG D 114 -16.60 8.47 3.72
C ARG D 114 -16.33 9.91 3.36
N ASP D 115 -15.21 10.41 3.85
CA ASP D 115 -14.56 11.63 3.38
C ASP D 115 -14.00 11.40 1.97
N PRO D 116 -13.91 12.43 1.13
CA PRO D 116 -13.32 12.21 -0.21
C PRO D 116 -11.84 11.80 -0.18
N ARG D 117 -11.17 12.03 0.95
CA ARG D 117 -9.79 11.59 1.16
C ARG D 117 -9.69 10.12 1.56
N ASP D 118 -10.80 9.50 1.99
CA ASP D 118 -10.84 8.05 2.12
C ASP D 118 -11.02 7.45 0.73
N PRO D 119 -10.51 6.23 0.48
CA PRO D 119 -10.66 5.59 -0.85
C PRO D 119 -12.12 5.36 -1.21
N PRO D 120 -12.54 5.73 -2.47
CA PRO D 120 -13.92 5.47 -2.92
C PRO D 120 -14.43 4.05 -2.76
N GLN D 121 -13.53 3.11 -2.76
CA GLN D 121 -13.89 1.72 -2.51
C GLN D 121 -14.73 1.52 -1.25
N TYR D 122 -14.60 2.37 -0.25
CA TYR D 122 -15.31 2.25 1.02
C TYR D 122 -16.38 3.33 1.24
N PRO D 123 -17.54 3.22 0.58
CA PRO D 123 -18.53 4.31 0.73
C PRO D 123 -18.92 4.58 2.19
N VAL D 124 -19.00 3.57 3.05
CA VAL D 124 -19.27 3.73 4.48
C VAL D 124 -18.06 3.25 5.26
N VAL D 125 -17.70 3.98 6.32
CA VAL D 125 -16.45 3.74 7.05
C VAL D 125 -16.70 3.89 8.54
N PRO D 126 -15.88 3.21 9.36
CA PRO D 126 -16.01 3.38 10.82
C PRO D 126 -15.52 4.75 11.25
N VAL D 127 -16.24 5.37 12.19
CA VAL D 127 -15.88 6.68 12.75
C VAL D 127 -15.83 6.71 14.27
N HIS D 128 -16.38 5.71 14.94
CA HIS D 128 -16.40 5.66 16.39
C HIS D 128 -16.66 4.24 16.89
N LEU D 129 -15.84 3.82 17.85
CA LEU D 129 -15.99 2.56 18.57
C LEU D 129 -16.96 2.79 19.74
N ASP D 130 -18.13 2.18 19.67
CA ASP D 130 -19.22 2.51 20.60
C ASP D 130 -19.17 1.68 21.86
N ARG D 131 -18.95 0.37 21.73
CA ARG D 131 -19.11 -0.53 22.86
C ARG D 131 -18.37 -1.81 22.54
N ILE D 132 -17.78 -2.45 23.56
CA ILE D 132 -17.20 -3.82 23.48
C ILE D 132 -18.22 -4.69 24.19
N ILE D 133 -18.76 -5.70 23.52
CA ILE D 133 -19.77 -6.58 24.16
C ILE D 133 -19.07 -7.82 24.70
S SO4 E . 28.53 -31.65 1.92
O1 SO4 E . 27.94 -30.51 2.61
O2 SO4 E . 29.05 -31.19 0.62
O3 SO4 E . 29.63 -32.21 2.69
O4 SO4 E . 27.49 -32.64 1.62
S SO4 F . 24.04 -26.20 -2.03
O1 SO4 F . 23.66 -25.19 -3.05
O2 SO4 F . 25.16 -25.73 -1.20
O3 SO4 F . 24.37 -27.46 -2.70
O4 SO4 F . 22.90 -26.46 -1.16
S SO4 G . 27.91 -14.89 10.51
O1 SO4 G . 26.83 -14.05 10.86
O2 SO4 G . 28.64 -14.30 9.47
O3 SO4 G . 28.75 -15.04 11.63
O4 SO4 G . 27.42 -16.14 10.11
S SO4 H . 9.99 -37.62 11.79
O1 SO4 H . 11.34 -37.65 12.39
O2 SO4 H . 10.04 -36.95 10.48
O3 SO4 H . 9.51 -39.01 11.60
O4 SO4 H . 9.07 -36.91 12.69
S SO4 I . 19.76 -17.87 17.03
O1 SO4 I . 19.13 -16.82 16.25
O2 SO4 I . 20.61 -18.69 16.14
O3 SO4 I . 20.58 -17.28 18.10
O4 SO4 I . 18.75 -18.72 17.67
S SO4 J . 23.77 -12.10 -11.58
O1 SO4 J . 23.32 -10.77 -11.99
O2 SO4 J . 25.23 -12.09 -11.41
O3 SO4 J . 23.37 -13.09 -12.59
O4 SO4 J . 23.15 -12.47 -10.29
S SO4 K . 21.92 -43.50 14.04
O1 SO4 K . 21.72 -43.85 12.62
O2 SO4 K . 23.21 -42.79 14.23
O3 SO4 K . 21.96 -44.75 14.83
O4 SO4 K . 20.82 -42.64 14.50
S SO4 L . 20.90 -31.76 -3.31
O1 SO4 L . 20.23 -30.65 -3.94
O2 SO4 L . 21.96 -32.23 -4.17
O3 SO4 L . 21.45 -31.34 -2.05
O4 SO4 L . 19.96 -32.82 -3.09
S SO4 M . 11.66 -15.47 5.15
O1 SO4 M . 12.01 -14.20 5.69
O2 SO4 M . 10.78 -15.29 4.05
O3 SO4 M . 11.02 -16.26 6.13
O4 SO4 M . 12.84 -16.15 4.74
C ACT N . 19.09 -29.82 18.48
O ACT N . 20.08 -30.05 17.75
OXT ACT N . 19.14 -28.99 19.41
CH3 ACT N . 17.79 -30.48 18.16
H1 ACT N . 17.89 -31.04 17.37
H2 ACT N . 17.12 -29.81 17.94
H3 ACT N . 17.47 -31.03 18.90
C ACT O . 26.40 -40.17 3.07
O ACT O . 25.62 -40.86 2.37
OXT ACT O . 26.46 -40.32 4.31
CH3 ACT O . 27.11 -39.02 2.43
H1 ACT O . 26.81 -38.19 2.85
H2 ACT O . 26.87 -38.97 1.49
H3 ACT O . 28.07 -39.10 2.52
C ACT P . 23.02 -28.73 -24.59
O ACT P . 23.66 -29.14 -25.59
OXT ACT P . 21.86 -29.14 -24.35
CH3 ACT P . 23.77 -28.00 -23.52
H1 ACT P . 23.21 -27.29 -23.17
H2 ACT P . 24.56 -27.58 -23.90
H3 ACT P . 24.03 -28.59 -22.79
S SO4 Q . 15.19 8.15 -1.00
O1 SO4 Q . 15.52 9.17 -1.91
O2 SO4 Q . 16.36 7.58 -0.49
O3 SO4 Q . 14.43 8.66 0.05
O4 SO4 Q . 14.46 7.16 -1.68
S SO4 R . 18.84 7.45 -6.42
O1 SO4 R . 19.49 8.56 -7.13
O2 SO4 R . 19.39 6.15 -6.86
O3 SO4 R . 19.02 7.63 -4.98
O4 SO4 R . 17.42 7.47 -6.70
S SO4 S . 0.52 20.62 -2.88
O1 SO4 S . 1.66 21.55 -2.84
O2 SO4 S . -0.15 20.72 -4.19
O3 SO4 S . -0.43 20.94 -1.80
O4 SO4 S . 1.01 19.25 -2.70
S SO4 T . 6.64 5.18 -19.45
O1 SO4 T . 7.68 5.65 -18.52
O2 SO4 T . 6.85 5.78 -20.78
O3 SO4 T . 5.32 5.56 -18.94
O4 SO4 T . 6.72 3.71 -19.58
S SO4 U . 21.47 13.72 -3.44
O1 SO4 U . 22.88 14.13 -3.34
O2 SO4 U . 20.85 14.36 -4.61
O3 SO4 U . 20.72 14.14 -2.25
O4 SO4 U . 21.39 12.26 -3.62
S SO4 V . 23.16 -10.03 6.60
O1 SO4 V . 23.38 -9.21 7.80
O2 SO4 V . 23.46 -9.25 5.39
O3 SO4 V . 24.03 -11.23 6.66
O4 SO4 V . 21.76 -10.46 6.58
C ACT W . 23.76 30.56 -10.82
O ACT W . 23.50 31.12 -9.73
OXT ACT W . 24.40 29.50 -10.86
CH3 ACT W . 23.10 31.07 -12.07
H1 ACT W . 23.79 31.38 -12.69
H2 ACT W . 22.55 31.83 -11.86
H3 ACT W . 22.56 30.39 -12.50
C ACT X . 17.77 7.29 -24.89
O ACT X . 18.32 8.15 -24.17
OXT ACT X . 16.59 7.42 -25.29
CH3 ACT X . 18.60 6.18 -25.45
H1 ACT X . 18.24 5.33 -25.16
H2 ACT X . 19.50 6.24 -25.09
H3 ACT X . 18.63 6.21 -26.42
C ACT Y . 17.79 18.30 -21.86
O ACT Y . 17.51 17.81 -22.98
OXT ACT Y . 16.90 18.41 -20.99
CH3 ACT Y . 19.20 18.52 -21.46
H1 ACT Y . 19.44 19.43 -21.60
H2 ACT Y . 19.79 17.97 -22.01
H3 ACT Y . 19.35 18.29 -20.52
C ACT Z . 17.53 17.79 3.71
O ACT Z . 18.11 17.94 2.61
OXT ACT Z . 17.40 16.66 4.23
CH3 ACT Z . 17.13 18.98 4.51
H1 ACT Z . 17.40 19.79 4.03
H2 ACT Z . 17.60 18.99 5.35
H3 ACT Z . 16.17 19.02 4.66
S SO4 AA . -20.97 29.91 -11.18
O1 SO4 AA . -21.57 30.15 -12.45
O2 SO4 AA . -19.59 29.63 -11.33
O3 SO4 AA . -21.58 28.82 -10.58
O4 SO4 AA . -21.15 31.04 -10.32
S SO4 BA . -28.63 8.97 -4.60
O1 SO4 BA . -27.96 10.05 -5.37
O2 SO4 BA . -28.80 7.79 -5.47
O3 SO4 BA . -27.78 8.62 -3.44
O4 SO4 BA . -29.94 9.42 -4.11
S SO4 CA . -15.60 22.42 -12.58
O1 SO4 CA . -14.61 23.43 -12.79
O2 SO4 CA . -16.20 22.07 -13.84
O3 SO4 CA . -16.62 22.92 -11.69
O4 SO4 CA . -14.98 21.26 -12.01
S SO4 DA . -21.90 22.93 -13.96
O1 SO4 DA . -22.80 24.07 -13.71
O2 SO4 DA . -20.57 23.40 -14.40
O3 SO4 DA . -21.74 22.20 -12.72
O4 SO4 DA . -22.45 22.03 -15.00
C ACT EA . -37.87 23.38 -6.90
O ACT EA . -37.69 23.74 -8.07
OXT ACT EA . -37.34 24.00 -5.97
CH3 ACT EA . -38.50 22.06 -6.60
H1 ACT EA . -38.74 21.62 -7.43
H2 ACT EA . -39.34 22.21 -6.11
H3 ACT EA . -37.92 21.49 -6.08
C ACT FA . -11.20 18.90 -33.35
O ACT FA . -11.02 19.21 -34.54
OXT ACT FA . -10.46 18.09 -32.78
CH3 ACT FA . -12.50 19.25 -32.70
H1 ACT FA . -12.33 19.90 -31.99
H2 ACT FA . -12.88 18.46 -32.29
H3 ACT FA . -13.13 19.64 -33.33
C ACT GA . -30.37 13.60 -25.45
O ACT GA . -30.54 13.39 -26.64
OXT ACT GA . -29.28 14.07 -25.04
CH3 ACT GA . -31.46 13.29 -24.48
H1 ACT GA . -31.82 14.13 -24.13
H2 ACT GA . -31.12 12.80 -23.73
H3 ACT GA . -32.19 12.79 -24.90
S SO4 HA . -10.62 9.18 28.09
O1 SO4 HA . -9.48 10.03 28.44
O2 SO4 HA . -11.11 9.60 26.77
O3 SO4 HA . -10.24 7.76 28.03
O4 SO4 HA . -11.67 9.32 29.12
S SO4 IA . -9.02 -20.33 33.56
O1 SO4 IA . -8.71 -19.35 32.50
O2 SO4 IA . -7.96 -21.36 33.61
O3 SO4 IA . -9.09 -19.64 34.86
O4 SO4 IA . -10.32 -20.97 33.27
S SO4 JA . -12.46 2.66 24.15
O1 SO4 JA . -12.89 4.07 24.19
O2 SO4 JA . -11.44 2.55 23.11
O3 SO4 JA . -11.88 2.25 25.44
O4 SO4 JA . -13.60 1.78 23.80
S SO4 KA . -25.07 -14.72 23.80
O1 SO4 KA . -25.07 -13.32 23.31
O2 SO4 KA . -24.20 -15.56 22.96
O3 SO4 KA . -24.58 -14.74 25.19
O4 SO4 KA . -26.44 -15.25 23.75
S SO4 LA . -19.54 -13.12 25.27
O1 SO4 LA . -18.96 -11.99 26.02
O2 SO4 LA . -20.38 -12.64 24.16
O3 SO4 LA . -18.45 -13.94 24.75
O4 SO4 LA . -20.38 -13.94 26.17
C ACT MA . -24.27 -25.61 24.97
O ACT MA . -23.91 -24.80 25.84
OXT ACT MA . -24.52 -26.79 25.20
CH3 ACT MA . -24.40 -25.10 23.54
H1 ACT MA . -24.31 -25.84 22.94
H2 ACT MA . -25.28 -24.74 23.40
H3 ACT MA . -23.74 -24.42 23.33
C ACT NA . -26.20 1.00 29.51
O ACT NA . -26.19 1.76 28.52
OXT ACT NA . -26.02 1.44 30.66
CH3 ACT NA . -26.58 -0.44 29.31
H1 ACT NA . -25.83 -1.01 29.57
H2 ACT NA . -26.76 -0.61 28.38
H3 ACT NA . -27.36 -0.68 29.84
C ACT OA . 6.08 -2.34 29.39
O ACT OA . 6.58 -3.30 28.75
OXT ACT OA . 5.11 -2.48 30.14
CH3 ACT OA . 6.57 -0.96 29.08
H1 ACT OA . 5.83 -0.41 28.76
H2 ACT OA . 7.22 -0.99 28.36
H3 ACT OA . 6.96 -0.52 29.86
C ACT PA . -26.67 6.11 8.59
O ACT PA . -27.81 6.61 8.67
OXT ACT PA . -26.44 4.96 8.99
CH3 ACT PA . -25.54 6.94 8.07
H1 ACT PA . -24.85 7.02 8.75
H2 ACT PA . -25.86 7.84 7.88
H3 ACT PA . -25.15 6.56 7.26
C1 MPD QA . -14.34 9.44 20.30
C2 MPD QA . -12.89 9.56 19.85
O2 MPD QA . -12.21 8.39 20.31
CM MPD QA . -12.82 9.60 18.33
C3 MPD QA . -12.26 10.81 20.48
C4 MPD QA . -10.76 10.99 20.21
O4 MPD QA . -10.58 12.25 19.57
C5 MPD QA . -9.95 10.95 21.51
H11 MPD QA . -14.59 10.29 20.94
H12 MPD QA . -14.45 8.53 20.87
H13 MPD QA . -14.99 9.45 19.43
HO2 MPD QA . -11.53 8.63 20.97
HM1 MPD QA . -13.00 10.61 17.99
HM2 MPD QA . -13.57 8.93 17.91
HM3 MPD QA . -11.85 9.28 17.98
H31 MPD QA . -12.78 11.68 20.08
H32 MPD QA . -12.45 10.80 21.55
H4 MPD QA . -10.39 10.27 19.52
HO4 MPD QA . -11.16 12.30 18.78
H51 MPD QA . -10.60 10.74 22.35
H52 MPD QA . -9.50 11.91 21.67
H53 MPD QA . -9.20 10.16 21.42
C1 MPD RA . -1.78 -7.02 16.76
C2 MPD RA . -1.02 -8.03 15.89
O2 MPD RA . -0.03 -7.34 15.15
CM MPD RA . -0.31 -9.02 16.79
C3 MPD RA . -1.97 -8.78 14.96
C4 MPD RA . -2.70 -7.92 13.92
O4 MPD RA . -2.54 -8.56 12.66
C5 MPD RA . -4.18 -7.72 14.23
H11 MPD RA . -1.62 -6.04 16.31
H12 MPD RA . -1.38 -7.01 17.78
H13 MPD RA . -2.83 -7.25 16.78
HO2 MPD RA . -0.14 -7.52 14.19
HM1 MPD RA . -0.59 -8.88 17.83
HM2 MPD RA . 0.76 -8.87 16.69
HM3 MPD RA . -0.54 -10.04 16.47
H31 MPD RA . -1.41 -9.55 14.43
H32 MPD RA . -2.73 -9.30 15.56
H4 MPD RA . -2.22 -6.95 13.89
HO4 MPD RA . -3.09 -9.38 12.64
H51 MPD RA . -4.72 -8.64 14.06
H52 MPD RA . -4.58 -6.96 13.56
H53 MPD RA . -4.30 -7.39 15.25
#